data_4TS2
#
_entry.id   4TS2
#
_cell.length_a   39.877
_cell.length_b   49.399
_cell.length_c   188.410
_cell.angle_alpha   90.000
_cell.angle_beta   90.000
_cell.angle_gamma   90.000
#
_symmetry.space_group_name_H-M   'P 21 21 21'
#
loop_
_entity.id
_entity.type
_entity.pdbx_description
1 polymer 'Spinach aptamer RNA, bimolecular construct'
2 polymer 'Spinach aptamer RNA, bimolecular construct'
3 branched beta-D-fructofuranose-(2-1)-alpha-D-glucopyranose
4 non-polymer 'MAGNESIUM ION'
5 non-polymer 'POTASSIUM ION'
6 non-polymer (5Z)-5-(3,5-difluoro-4-hydroxybenzylidene)-2,3-dimethyl-3,5-dihydro-4H-imidazol-4-one
7 water water
#
loop_
_entity_poly.entity_id
_entity_poly.type
_entity_poly.pdbx_seq_one_letter_code
_entity_poly.pdbx_strand_id
1 'polyribonucleotide' GACGCGACCGAAUGAAAUGGUGAAGGACGGGUCCAGCCGGCUG(CCC) X
2 'polyribonucleotide' GCAGCCGGCUUGUUGAGUAGAGUGUGAGCUCCGUAACUGGUCGCGU(CCC) Y
#
loop_
_chem_comp.id
_chem_comp.type
_chem_comp.name
_chem_comp.formula
38E non-polymer (5Z)-5-(3,5-difluoro-4-hydroxybenzylidene)-2,3-dimethyl-3,5-dihydro-4H-imidazol-4-one 'C12 H10 F2 N2 O2'
A RNA linking ADENOSINE-5'-MONOPHOSPHATE 'C10 H14 N5 O7 P'
C RNA linking CYTIDINE-5'-MONOPHOSPHATE 'C9 H14 N3 O8 P'
CCC RNA linking 'CYTIDINE-5'-PHOSPHATE-2',3'-CYCLIC PHOSPHATE' 'C9 H13 N3 O10 P2'
FRU D-saccharide, beta linking beta-D-fructofuranose 'C6 H12 O6'
G RNA linking GUANOSINE-5'-MONOPHOSPHATE 'C10 H14 N5 O8 P'
GLC D-saccharide, alpha linking alpha-D-glucopyranose 'C6 H12 O6'
K non-polymer 'POTASSIUM ION' 'K 1'
MG non-polymer 'MAGNESIUM ION' 'Mg 2'
U RNA linking URIDINE-5'-MONOPHOSPHATE 'C9 H13 N2 O9 P'
#
# COMPACT_ATOMS: atom_id res chain seq x y z
PC CCC A 44 -7.85 -16.03 -45.95
O1C CCC A 44 -7.00 -16.83 -46.91
O2C CCC A 44 -7.70 -14.56 -45.68
P CCC A 44 -12.77 -12.76 -43.57
O5' CCC A 44 -12.67 -13.72 -44.85
C5' CCC A 44 -12.23 -15.07 -44.72
C4' CCC A 44 -10.70 -15.12 -44.58
O4' CCC A 44 -10.29 -14.94 -43.22
C3' CCC A 44 -10.14 -16.44 -45.05
O3' CCC A 44 -9.40 -16.29 -46.25
C2' CCC A 44 -9.15 -16.88 -43.98
O2' CCC A 44 -7.84 -16.73 -44.50
C1' CCC A 44 -9.41 -16.00 -42.78
N1 CCC A 44 -9.99 -16.88 -41.75
C2 CCC A 44 -9.15 -17.67 -40.92
O2 CCC A 44 -7.90 -17.62 -41.01
N3 CCC A 44 -9.69 -18.50 -39.98
C4 CCC A 44 -11.03 -18.60 -39.84
N4 CCC A 44 -11.56 -19.43 -38.90
C5 CCC A 44 -11.86 -17.85 -40.65
C6 CCC A 44 -11.31 -17.00 -41.61
PC CCC B 47 -18.64 26.34 41.96
O1C CCC B 47 -19.01 26.02 40.52
O2C CCC B 47 -19.40 25.78 43.14
P CCC B 47 -14.73 32.34 41.61
OP1 CCC B 47 -15.71 33.33 42.18
OP2 CCC B 47 -13.30 32.30 42.13
O5' CCC B 47 -15.40 30.89 41.77
C5' CCC B 47 -16.67 30.63 41.20
C4' CCC B 47 -16.77 29.13 40.93
O4' CCC B 47 -15.53 28.57 40.52
C3' CCC B 47 -17.17 28.40 42.20
O3' CCC B 47 -18.50 27.93 42.12
C2' CCC B 47 -16.26 27.20 42.30
O2' CCC B 47 -17.07 26.04 42.14
C1' CCC B 47 -15.25 27.31 41.17
N1 CCC B 47 -13.87 27.17 41.73
C2 CCC B 47 -13.39 25.89 42.12
O2 CCC B 47 -14.11 24.88 41.98
N3 CCC B 47 -12.13 25.73 42.63
C4 CCC B 47 -11.31 26.80 42.80
N4 CCC B 47 -10.05 26.70 43.32
C5 CCC B 47 -11.78 28.07 42.43
C6 CCC B 47 -13.06 28.23 41.89
C1 GLC C . 15.44 -6.68 7.05
C2 GLC C . 16.93 -6.56 7.20
C3 GLC C . 17.44 -7.52 8.25
C4 GLC C . 16.60 -7.41 9.52
C5 GLC C . 15.11 -7.54 9.23
C6 GLC C . 14.28 -7.41 10.50
O2 GLC C . 17.56 -6.91 5.96
O3 GLC C . 18.80 -7.21 8.54
O4 GLC C . 16.99 -8.44 10.42
O5 GLC C . 14.77 -6.53 8.30
O6 GLC C . 15.06 -7.49 11.71
C1 FRU C . 14.29 -7.05 4.29
C2 FRU C . 14.05 -7.94 5.52
C3 FRU C . 13.80 -9.36 5.03
C4 FRU C . 12.84 -9.88 6.07
C5 FRU C . 11.97 -8.66 6.35
C6 FRU C . 11.23 -8.66 7.67
O1 FRU C . 13.15 -6.98 3.43
O2 FRU C . 15.16 -7.96 6.44
O3 FRU C . 15.05 -10.03 4.84
O4 FRU C . 12.01 -10.95 5.63
O5 FRU C . 12.87 -7.54 6.26
O6 FRU C . 9.98 -7.95 7.51
MG MG D . 15.52 -9.27 -10.90
K K E . 8.70 -1.28 -3.35
K K F . 8.14 -2.83 -6.29
K K G . 16.25 5.70 -2.90
F1 38E H . 12.56 -8.84 -11.47
C2 38E H . 11.39 -8.56 -10.85
C1 38E H . 10.82 -9.49 -9.86
O1 38E H . 11.50 -10.61 -9.62
C3 38E H . 10.69 -7.39 -11.11
C4 38E H . 9.47 -7.10 -10.47
C5 38E H . 8.93 -8.01 -9.54
C 38E H . 9.54 -9.18 -9.18
F 38E H . 8.93 -9.99 -8.28
C6 38E H . 8.62 -5.84 -10.69
C7 38E H . 8.95 -4.64 -11.54
C9 38E H . 8.15 -3.42 -11.78
O 38E H . 6.99 -3.11 -11.24
N1 38E H . 8.82 -2.62 -12.60
C10 38E H . 8.36 -1.30 -13.05
C8 38E H . 9.96 -3.24 -12.93
N 38E H . 10.07 -4.47 -12.30
C11 38E H . 11.00 -2.63 -13.84
#